data_1NW7
#
_entry.id   1NW7
#
_cell.length_a   71.169
_cell.length_b   130.752
_cell.length_c   67.516
_cell.angle_alpha   90.00
_cell.angle_beta   90.00
_cell.angle_gamma   90.00
#
_symmetry.space_group_name_H-M   'C 2 2 21'
#
loop_
_entity.id
_entity.type
_entity.pdbx_description
1 polymer 'MODIFICATION METHYLASE RSRI'
2 non-polymer 'CHLORIDE ION'
3 non-polymer S-ADENOSYL-L-HOMOCYSTEINE
4 water water
#
_entity_poly.entity_id   1
_entity_poly.type   'polypeptide(L)'
_entity_poly.pdbx_seq_one_letter_code
;MANRSHHNAGHRAMNALRKSGQKHSSESQLGSSEIGTTRHVYDVCDCLDTLAKLPDDSVQLIICDPPYNIMLADWDDHMD
YIGWAKRWLAEAERVLSPTGSIAIFGGLQYQGEAGSGDLISIISHMRQNSKMLLANLIIWNYPNGMSAQRFFANRHEEIA
WFAKTKKYFFDLDAVREPYDEETKAAYMKDKRLNPESVEKGRNPTNVWRMSRLNGNSLERVGHPTQKPAAVIERLVRALS
HPGSTVLDFFAGSGVTARVAIQEGRNSICTDAAPVFKEYYQKQLTFLQDDGLIDKARSYEIVEGAANFGAALQRGDVAS
;
_entity_poly.pdbx_strand_id   A
#
loop_
_chem_comp.id
_chem_comp.type
_chem_comp.name
_chem_comp.formula
CL non-polymer 'CHLORIDE ION' 'Cl -1'
#
# COMPACT_ATOMS: atom_id res chain seq x y z
N GLY A 36 24.47 -2.99 1.38
CA GLY A 36 23.43 -3.19 0.32
C GLY A 36 22.38 -4.18 0.75
N THR A 37 22.47 -4.62 2.01
CA THR A 37 21.52 -5.59 2.56
C THR A 37 20.37 -4.87 3.26
N THR A 38 19.15 -5.31 2.98
CA THR A 38 17.97 -4.72 3.60
C THR A 38 17.52 -5.52 4.81
N ARG A 39 16.79 -4.87 5.70
CA ARG A 39 16.29 -5.51 6.91
C ARG A 39 14.76 -5.54 6.90
N HIS A 40 14.20 -6.64 7.40
CA HIS A 40 12.75 -6.81 7.43
C HIS A 40 12.30 -7.41 8.75
N VAL A 41 11.46 -6.68 9.45
CA VAL A 41 10.97 -7.14 10.74
C VAL A 41 9.49 -7.42 10.65
N TYR A 42 9.05 -8.45 11.35
CA TYR A 42 7.65 -8.79 11.34
C TYR A 42 7.22 -9.31 12.69
N ASP A 43 5.93 -9.25 12.95
CA ASP A 43 5.40 -9.75 14.20
C ASP A 43 3.88 -9.66 14.18
N VAL A 44 3.25 -10.33 15.14
CA VAL A 44 1.81 -10.30 15.27
C VAL A 44 1.48 -9.26 16.34
N CYS A 45 0.88 -8.15 15.92
CA CYS A 45 0.53 -7.08 16.84
C CYS A 45 -0.68 -6.31 16.37
N ASP A 46 -1.30 -5.60 17.31
CA ASP A 46 -2.40 -4.72 17.01
C ASP A 46 -1.74 -3.49 16.39
N CYS A 47 -2.38 -2.85 15.41
CA CYS A 47 -1.77 -1.72 14.73
C CYS A 47 -1.30 -0.61 15.66
N LEU A 48 -2.12 -0.25 16.64
CA LEU A 48 -1.73 0.82 17.57
C LEU A 48 -0.51 0.45 18.39
N ASP A 49 -0.38 -0.82 18.75
CA ASP A 49 0.76 -1.26 19.53
C ASP A 49 2.03 -1.15 18.69
N THR A 50 1.93 -1.45 17.40
CA THR A 50 3.08 -1.34 16.51
C THR A 50 3.48 0.12 16.35
N LEU A 51 2.50 0.96 16.02
CA LEU A 51 2.77 2.38 15.81
C LEU A 51 3.38 3.06 17.03
N ALA A 52 2.89 2.71 18.22
CA ALA A 52 3.38 3.31 19.44
C ALA A 52 4.89 3.09 19.64
N LYS A 53 5.43 2.02 19.06
CA LYS A 53 6.85 1.74 19.21
C LYS A 53 7.71 2.37 18.11
N LEU A 54 7.09 3.10 17.18
CA LEU A 54 7.86 3.72 16.12
C LEU A 54 8.03 5.22 16.36
N PRO A 55 9.25 5.74 16.21
CA PRO A 55 9.51 7.16 16.43
C PRO A 55 8.98 8.06 15.30
N ASP A 56 8.84 9.34 15.60
CA ASP A 56 8.37 10.34 14.63
C ASP A 56 9.24 10.40 13.38
N ASP A 57 8.60 10.63 12.24
CA ASP A 57 9.28 10.80 10.95
C ASP A 57 10.31 9.72 10.61
N SER A 58 10.04 8.47 10.93
CA SER A 58 11.03 7.43 10.66
C SER A 58 10.66 6.51 9.50
N VAL A 59 9.46 6.67 8.96
CA VAL A 59 9.00 5.80 7.87
C VAL A 59 8.77 6.56 6.56
N GLN A 60 9.21 5.98 5.46
CA GLN A 60 9.06 6.63 4.15
C GLN A 60 7.73 6.32 3.48
N LEU A 61 7.28 5.08 3.56
CA LEU A 61 6.02 4.70 2.92
C LEU A 61 5.24 3.70 3.74
N ILE A 62 3.93 3.89 3.78
CA ILE A 62 3.04 3.00 4.48
C ILE A 62 2.02 2.39 3.51
N ILE A 63 1.89 1.08 3.52
CA ILE A 63 0.91 0.40 2.72
C ILE A 63 -0.25 0.13 3.68
N CYS A 64 -1.42 0.65 3.38
CA CYS A 64 -2.55 0.52 4.29
C CYS A 64 -3.81 0.00 3.62
N ASP A 65 -4.15 -1.26 3.92
CA ASP A 65 -5.32 -1.95 3.41
C ASP A 65 -6.04 -2.51 4.64
N PRO A 66 -6.71 -1.62 5.39
CA PRO A 66 -7.44 -1.83 6.63
C PRO A 66 -8.80 -2.49 6.54
N PRO A 67 -9.25 -3.06 7.67
CA PRO A 67 -10.56 -3.69 7.67
C PRO A 67 -11.50 -2.49 7.67
N TYR A 68 -12.73 -2.63 7.18
CA TYR A 68 -13.61 -1.47 7.16
C TYR A 68 -14.83 -1.61 8.07
N ASN A 69 -14.60 -2.26 9.20
CA ASN A 69 -15.64 -2.46 10.20
C ASN A 69 -14.95 -2.71 11.53
N ILE A 70 -15.53 -2.20 12.62
CA ILE A 70 -14.94 -2.40 13.93
C ILE A 70 -15.46 -3.70 14.52
N MET A 71 -14.81 -4.19 15.57
CA MET A 71 -15.25 -5.42 16.21
C MET A 71 -16.22 -5.15 17.34
N LEU A 72 -16.98 -6.17 17.73
CA LEU A 72 -17.98 -6.02 18.79
C LEU A 72 -17.44 -5.27 20.00
N ALA A 73 -16.29 -5.69 20.51
CA ALA A 73 -15.69 -5.06 21.68
C ALA A 73 -15.36 -3.58 21.46
N ASP A 74 -15.15 -3.17 20.22
CA ASP A 74 -14.83 -1.76 19.95
C ASP A 74 -15.97 -0.83 20.33
N TRP A 75 -17.17 -1.40 20.46
CA TRP A 75 -18.32 -0.58 20.83
C TRP A 75 -18.19 -0.05 22.26
N ASP A 76 -17.21 -0.54 23.00
CA ASP A 76 -17.02 -0.04 24.36
C ASP A 76 -16.44 1.37 24.34
N ASP A 77 -15.75 1.71 23.25
CA ASP A 77 -15.09 3.01 23.15
C ASP A 77 -15.48 3.86 21.93
N HIS A 78 -16.20 3.30 20.97
CA HIS A 78 -16.54 4.10 19.79
C HIS A 78 -17.99 3.96 19.35
N MET A 79 -18.44 4.93 18.55
CA MET A 79 -19.81 4.93 18.05
C MET A 79 -19.86 4.78 16.52
N ASP A 80 -18.68 4.71 15.91
CA ASP A 80 -18.58 4.51 14.46
C ASP A 80 -17.17 4.11 14.03
N TYR A 81 -17.06 3.70 12.77
CA TYR A 81 -15.78 3.26 12.21
C TYR A 81 -14.68 4.30 12.32
N ILE A 82 -14.95 5.53 11.93
CA ILE A 82 -13.92 6.56 11.95
C ILE A 82 -13.41 6.85 13.37
N GLY A 83 -14.28 6.73 14.38
CA GLY A 83 -13.83 6.95 15.74
C GLY A 83 -12.68 6.01 16.08
N TRP A 84 -12.76 4.80 15.56
CA TRP A 84 -11.73 3.79 15.77
C TRP A 84 -10.54 4.02 14.85
N ALA A 85 -10.82 4.31 13.58
CA ALA A 85 -9.77 4.50 12.60
C ALA A 85 -8.96 5.78 12.77
N LYS A 86 -9.55 6.82 13.37
CA LYS A 86 -8.84 8.08 13.52
C LYS A 86 -7.55 7.96 14.31
N ARG A 87 -7.50 7.00 15.22
CA ARG A 87 -6.35 6.77 16.08
C ARG A 87 -5.12 6.32 15.28
N TRP A 88 -5.27 5.29 14.44
CA TRP A 88 -4.11 4.85 13.68
C TRP A 88 -3.80 5.79 12.51
N LEU A 89 -4.82 6.48 12.00
CA LEU A 89 -4.56 7.43 10.92
C LEU A 89 -3.65 8.54 11.43
N ALA A 90 -3.91 8.99 12.66
CA ALA A 90 -3.10 10.03 13.27
C ALA A 90 -1.68 9.50 13.52
N GLU A 91 -1.59 8.28 14.05
CA GLU A 91 -0.30 7.68 14.31
C GLU A 91 0.46 7.42 13.02
N ALA A 92 -0.26 7.03 11.96
CA ALA A 92 0.39 6.78 10.68
C ALA A 92 1.07 8.04 10.16
N GLU A 93 0.38 9.16 10.27
CA GLU A 93 0.95 10.44 9.83
C GLU A 93 2.16 10.81 10.69
N ARG A 94 2.08 10.56 11.99
CA ARG A 94 3.18 10.88 12.90
C ARG A 94 4.49 10.18 12.52
N VAL A 95 4.42 8.88 12.27
CA VAL A 95 5.64 8.14 11.95
C VAL A 95 6.18 8.36 10.55
N LEU A 96 5.37 8.95 9.66
CA LEU A 96 5.82 9.23 8.29
C LEU A 96 6.82 10.38 8.28
N SER A 97 7.85 10.27 7.44
CA SER A 97 8.85 11.33 7.32
C SER A 97 8.25 12.47 6.51
N PRO A 98 8.90 13.65 6.53
CA PRO A 98 8.41 14.82 5.77
C PRO A 98 8.21 14.51 4.29
N THR A 99 9.01 13.59 3.77
CA THR A 99 8.96 13.19 2.37
C THR A 99 8.11 11.94 2.17
N GLY A 100 7.52 11.45 3.25
CA GLY A 100 6.75 10.21 3.21
C GLY A 100 5.31 10.28 2.71
N SER A 101 4.77 9.10 2.41
CA SER A 101 3.41 8.96 1.89
C SER A 101 2.73 7.70 2.41
N ILE A 102 1.40 7.70 2.34
CA ILE A 102 0.62 6.54 2.74
C ILE A 102 -0.39 6.24 1.65
N ALA A 103 -0.48 4.97 1.26
CA ALA A 103 -1.46 4.55 0.26
C ALA A 103 -2.55 3.77 0.99
N ILE A 104 -3.78 4.23 0.89
CA ILE A 104 -4.88 3.57 1.59
C ILE A 104 -5.88 2.95 0.63
N PHE A 105 -6.01 1.62 0.71
CA PHE A 105 -6.94 0.88 -0.14
C PHE A 105 -8.34 0.92 0.47
N GLY A 106 -9.35 0.93 -0.39
CA GLY A 106 -10.71 0.95 0.07
C GLY A 106 -11.67 1.10 -1.10
N GLY A 107 -12.96 0.98 -0.82
CA GLY A 107 -13.97 1.12 -1.86
C GLY A 107 -14.84 2.32 -1.59
N LEU A 108 -15.88 2.51 -2.40
CA LEU A 108 -16.78 3.63 -2.25
C LEU A 108 -18.22 3.12 -2.19
N GLN A 109 -18.38 1.87 -1.77
CA GLN A 109 -19.68 1.21 -1.70
C GLN A 109 -20.30 1.12 -0.29
N TYR A 110 -19.73 1.82 0.70
CA TYR A 110 -20.30 1.76 2.05
C TYR A 110 -21.82 1.93 2.01
N GLN A 111 -22.53 1.07 2.71
CA GLN A 111 -23.99 1.09 2.73
C GLN A 111 -24.61 1.85 3.90
N GLY A 112 -23.83 2.09 4.96
CA GLY A 112 -24.38 2.83 6.08
C GLY A 112 -24.50 2.03 7.38
N GLU A 113 -24.09 0.76 7.35
CA GLU A 113 -24.17 -0.08 8.55
C GLU A 113 -23.32 0.50 9.67
N ALA A 114 -23.88 0.56 10.88
CA ALA A 114 -23.16 1.09 12.03
C ALA A 114 -21.91 0.26 12.29
N GLY A 115 -20.80 0.93 12.57
CA GLY A 115 -19.56 0.24 12.84
C GLY A 115 -18.70 0.05 11.60
N SER A 116 -19.25 0.38 10.44
CA SER A 116 -18.50 0.22 9.20
C SER A 116 -18.34 1.54 8.45
N GLY A 117 -17.60 1.48 7.35
CA GLY A 117 -17.38 2.65 6.52
C GLY A 117 -16.58 2.26 5.31
N ASP A 118 -16.04 3.24 4.59
CA ASP A 118 -15.23 2.93 3.43
C ASP A 118 -14.16 4.00 3.21
N LEU A 119 -13.53 3.99 2.04
CA LEU A 119 -12.47 4.95 1.74
C LEU A 119 -12.99 6.38 1.84
N ILE A 120 -14.26 6.59 1.55
CA ILE A 120 -14.83 7.94 1.64
C ILE A 120 -14.92 8.39 3.10
N SER A 121 -15.21 7.47 4.01
CA SER A 121 -15.30 7.82 5.44
C SER A 121 -13.93 8.34 5.90
N ILE A 122 -12.88 7.71 5.40
CA ILE A 122 -11.52 8.09 5.73
C ILE A 122 -11.12 9.43 5.10
N ILE A 123 -11.33 9.56 3.79
CA ILE A 123 -10.99 10.79 3.10
C ILE A 123 -11.71 12.00 3.69
N SER A 124 -13.00 11.86 3.97
CA SER A 124 -13.73 12.96 4.57
C SER A 124 -13.14 13.34 5.91
N HIS A 125 -12.72 12.35 6.69
CA HIS A 125 -12.13 12.63 7.99
C HIS A 125 -10.79 13.35 7.80
N MET A 126 -9.98 12.88 6.85
CA MET A 126 -8.67 13.48 6.59
C MET A 126 -8.78 14.95 6.14
N ARG A 127 -9.78 15.24 5.33
CA ARG A 127 -9.97 16.61 4.83
C ARG A 127 -10.29 17.55 5.99
N GLN A 128 -10.91 17.01 7.03
CA GLN A 128 -11.29 17.82 8.18
C GLN A 128 -10.25 17.83 9.28
N ASN A 129 -9.43 16.79 9.39
CA ASN A 129 -8.51 16.75 10.51
C ASN A 129 -7.04 16.55 10.20
N SER A 130 -6.67 16.34 8.94
CA SER A 130 -5.26 16.13 8.64
C SER A 130 -4.72 17.16 7.67
N LYS A 131 -3.43 17.49 7.84
CA LYS A 131 -2.80 18.44 6.96
C LYS A 131 -2.20 17.72 5.75
N MET A 132 -2.24 16.39 5.76
CA MET A 132 -1.71 15.64 4.63
C MET A 132 -2.44 16.01 3.35
N LEU A 133 -1.74 15.89 2.22
CA LEU A 133 -2.31 16.22 0.91
C LEU A 133 -2.74 14.97 0.16
N LEU A 134 -3.90 15.05 -0.49
CA LEU A 134 -4.35 13.93 -1.31
C LEU A 134 -3.73 14.14 -2.69
N ALA A 135 -2.58 13.49 -2.91
CA ALA A 135 -1.83 13.61 -4.15
C ALA A 135 -2.49 12.87 -5.33
N ASN A 136 -3.30 11.87 -5.03
CA ASN A 136 -3.97 11.12 -6.09
C ASN A 136 -4.99 10.15 -5.52
N LEU A 137 -6.08 9.99 -6.26
CA LEU A 137 -7.07 8.99 -5.92
C LEU A 137 -6.96 8.04 -7.10
N ILE A 138 -6.28 6.92 -6.85
CA ILE A 138 -6.03 5.93 -7.88
C ILE A 138 -7.16 4.93 -8.01
N ILE A 139 -7.51 4.60 -9.25
CA ILE A 139 -8.55 3.63 -9.52
C ILE A 139 -7.94 2.30 -9.98
N TRP A 140 -8.12 1.25 -9.20
CA TRP A 140 -7.63 -0.06 -9.58
C TRP A 140 -8.79 -0.77 -10.29
N ASN A 141 -8.72 -0.80 -11.62
CA ASN A 141 -9.76 -1.41 -12.46
C ASN A 141 -9.37 -2.85 -12.82
N TYR A 142 -9.99 -3.83 -12.17
CA TYR A 142 -9.68 -5.21 -12.48
C TYR A 142 -10.62 -5.77 -13.55
N PRO A 143 -10.10 -6.66 -14.41
CA PRO A 143 -10.76 -7.34 -15.52
C PRO A 143 -11.98 -8.20 -15.20
N ASN A 144 -11.85 -9.10 -14.23
CA ASN A 144 -12.96 -9.98 -13.94
C ASN A 144 -13.60 -9.79 -12.58
N GLY A 145 -14.82 -10.30 -12.47
CA GLY A 145 -15.56 -10.20 -11.23
C GLY A 145 -16.94 -10.83 -11.35
N MET A 146 -17.74 -10.68 -10.30
CA MET A 146 -19.08 -11.24 -10.29
C MET A 146 -19.98 -10.46 -11.23
N SER A 147 -21.04 -11.10 -11.70
CA SER A 147 -21.99 -10.43 -12.58
C SER A 147 -23.03 -9.72 -11.72
N ALA A 148 -23.96 -9.01 -12.36
CA ALA A 148 -25.01 -8.29 -11.64
C ALA A 148 -26.16 -7.98 -12.58
N GLN A 149 -27.38 -8.19 -12.09
CA GLN A 149 -28.54 -7.95 -12.93
C GLN A 149 -29.24 -6.62 -12.64
N ARG A 150 -29.10 -6.13 -11.40
CA ARG A 150 -29.76 -4.90 -11.01
C ARG A 150 -28.85 -3.67 -10.85
N PHE A 151 -27.63 -3.76 -11.39
CA PHE A 151 -26.70 -2.64 -11.36
C PHE A 151 -25.45 -2.95 -12.17
N PHE A 152 -24.55 -1.98 -12.28
CA PHE A 152 -23.34 -2.19 -13.05
C PHE A 152 -22.35 -3.03 -12.24
N ALA A 153 -21.93 -4.15 -12.82
CA ALA A 153 -21.00 -5.07 -12.17
C ALA A 153 -19.78 -4.32 -11.66
N ASN A 154 -19.41 -4.57 -10.41
CA ASN A 154 -18.26 -3.87 -9.84
C ASN A 154 -16.93 -4.36 -10.39
N ARG A 155 -16.13 -3.44 -10.93
CA ARG A 155 -14.81 -3.78 -11.46
C ARG A 155 -13.75 -2.80 -10.97
N HIS A 156 -13.96 -2.21 -9.79
CA HIS A 156 -12.97 -1.29 -9.28
C HIS A 156 -12.93 -1.18 -7.76
N GLU A 157 -11.77 -0.77 -7.28
CA GLU A 157 -11.50 -0.49 -5.88
C GLU A 157 -10.50 0.67 -5.90
N GLU A 158 -10.44 1.47 -4.84
CA GLU A 158 -9.56 2.64 -4.90
C GLU A 158 -8.34 2.61 -3.99
N ILE A 159 -7.43 3.51 -4.30
CA ILE A 159 -6.22 3.69 -3.52
C ILE A 159 -6.02 5.18 -3.31
N ALA A 160 -6.16 5.65 -2.08
CA ALA A 160 -5.96 7.05 -1.80
C ALA A 160 -4.51 7.28 -1.40
N TRP A 161 -3.78 8.01 -2.23
CA TRP A 161 -2.39 8.32 -1.93
C TRP A 161 -2.28 9.66 -1.23
N PHE A 162 -1.95 9.61 0.05
CA PHE A 162 -1.78 10.81 0.85
C PHE A 162 -0.28 11.07 1.08
N ALA A 163 0.12 12.33 0.90
CA ALA A 163 1.50 12.72 1.12
C ALA A 163 1.58 13.56 2.39
N LYS A 164 2.56 13.29 3.25
CA LYS A 164 2.68 14.06 4.48
C LYS A 164 2.87 15.55 4.22
N THR A 165 3.72 15.88 3.26
CA THR A 165 3.96 17.28 2.92
C THR A 165 4.13 17.46 1.41
N LYS A 166 4.30 18.70 0.97
CA LYS A 166 4.47 18.99 -0.45
C LYS A 166 5.81 18.47 -0.99
N LYS A 167 6.76 18.22 -0.09
CA LYS A 167 8.07 17.73 -0.52
C LYS A 167 8.08 16.20 -0.65
N TYR A 168 6.90 15.61 -0.83
CA TYR A 168 6.83 14.15 -0.95
C TYR A 168 7.75 13.62 -2.04
N PHE A 169 8.26 12.41 -1.82
CA PHE A 169 9.14 11.76 -2.79
C PHE A 169 8.28 11.13 -3.88
N PHE A 170 8.74 11.21 -5.12
CA PHE A 170 8.02 10.61 -6.23
C PHE A 170 8.98 10.24 -7.34
N ASP A 171 8.96 8.96 -7.71
CA ASP A 171 9.83 8.46 -8.76
C ASP A 171 8.98 7.96 -9.93
N LEU A 172 8.51 8.88 -10.76
CA LEU A 172 7.67 8.53 -11.91
C LEU A 172 8.37 7.63 -12.92
N ASP A 173 9.63 7.93 -13.22
CA ASP A 173 10.39 7.15 -14.20
C ASP A 173 10.44 5.66 -13.86
N ALA A 174 10.42 5.34 -12.56
CA ALA A 174 10.49 3.96 -12.12
C ALA A 174 9.20 3.19 -12.40
N VAL A 175 8.14 3.89 -12.76
CA VAL A 175 6.87 3.21 -13.04
C VAL A 175 6.31 3.54 -14.42
N ARG A 176 7.03 4.32 -15.20
CA ARG A 176 6.56 4.64 -16.55
C ARG A 176 6.38 3.36 -17.35
N GLU A 177 5.44 3.37 -18.28
CA GLU A 177 5.18 2.21 -19.13
C GLU A 177 5.75 2.51 -20.50
N PRO A 178 6.78 1.77 -20.91
CA PRO A 178 7.44 1.94 -22.21
C PRO A 178 6.55 1.60 -23.40
N TYR A 179 6.76 2.31 -24.50
CA TYR A 179 6.01 2.04 -25.71
C TYR A 179 6.75 0.94 -26.45
N ASP A 180 6.06 0.21 -27.32
CA ASP A 180 6.74 -0.84 -28.08
C ASP A 180 7.70 -0.19 -29.07
N GLU A 181 8.65 -0.94 -29.59
CA GLU A 181 9.62 -0.39 -30.53
C GLU A 181 8.97 0.28 -31.72
N GLU A 182 7.74 -0.11 -32.03
CA GLU A 182 7.03 0.48 -33.16
C GLU A 182 6.54 1.88 -32.83
N THR A 183 5.80 2.01 -31.72
CA THR A 183 5.28 3.30 -31.30
C THR A 183 6.41 4.28 -31.00
N LYS A 184 7.45 3.79 -30.33
CA LYS A 184 8.61 4.63 -29.99
C LYS A 184 9.21 5.27 -31.22
N ALA A 185 9.27 4.50 -32.32
CA ALA A 185 9.84 4.98 -33.57
C ALA A 185 8.97 6.05 -34.22
N ALA A 186 7.66 5.83 -34.22
CA ALA A 186 6.74 6.79 -34.82
C ALA A 186 6.75 8.14 -34.09
N TYR A 187 7.01 8.10 -32.78
CA TYR A 187 7.06 9.32 -31.99
C TYR A 187 8.38 10.05 -32.14
N MET A 188 9.47 9.30 -32.32
CA MET A 188 10.79 9.89 -32.47
C MET A 188 10.88 10.69 -33.77
N LYS A 189 10.04 10.33 -34.75
CA LYS A 189 10.06 11.04 -36.01
C LYS A 189 9.25 12.33 -35.93
N ASP A 190 8.31 12.36 -34.98
CA ASP A 190 7.47 13.53 -34.76
C ASP A 190 8.26 14.57 -33.97
N LYS A 191 8.78 15.57 -34.66
CA LYS A 191 9.58 16.62 -34.03
C LYS A 191 8.78 17.45 -33.03
N ARG A 192 7.45 17.31 -33.05
CA ARG A 192 6.62 18.03 -32.11
C ARG A 192 6.72 17.44 -30.71
N LEU A 193 7.10 16.16 -30.64
CA LEU A 193 7.24 15.46 -29.36
C LEU A 193 8.67 15.47 -28.84
N ASN A 194 8.80 15.41 -27.52
CA ASN A 194 10.11 15.39 -26.88
C ASN A 194 10.68 13.97 -26.86
N PRO A 195 11.86 13.77 -27.47
CA PRO A 195 12.52 12.47 -27.55
C PRO A 195 12.73 11.81 -26.18
N GLU A 196 13.15 12.62 -25.20
CA GLU A 196 13.40 12.10 -23.86
C GLU A 196 12.13 11.47 -23.28
N SER A 197 11.02 12.20 -23.37
CA SER A 197 9.76 11.70 -22.86
C SER A 197 9.39 10.38 -23.52
N VAL A 198 9.57 10.32 -24.84
CA VAL A 198 9.26 9.11 -25.58
C VAL A 198 10.04 7.91 -25.07
N GLU A 199 11.34 8.10 -24.90
CA GLU A 199 12.22 7.02 -24.44
C GLU A 199 11.94 6.56 -23.02
N LYS A 200 11.58 7.49 -22.14
CA LYS A 200 11.32 7.11 -20.74
C LYS A 200 10.01 6.36 -20.57
N GLY A 201 9.07 6.55 -21.49
CA GLY A 201 7.81 5.85 -21.37
C GLY A 201 6.67 6.77 -20.98
N ARG A 202 5.49 6.20 -20.78
CA ARG A 202 4.32 6.99 -20.44
C ARG A 202 3.96 6.94 -18.95
N ASN A 203 3.36 8.01 -18.47
CA ASN A 203 2.88 8.07 -17.11
C ASN A 203 1.80 6.99 -17.03
N PRO A 204 1.84 6.12 -16.03
CA PRO A 204 0.85 5.05 -15.89
C PRO A 204 -0.60 5.52 -15.73
N THR A 205 -0.77 6.79 -15.35
CA THR A 205 -2.08 7.41 -15.09
C THR A 205 -2.62 6.95 -13.74
N ASN A 206 -3.70 7.57 -13.24
CA ASN A 206 -4.25 7.18 -11.95
C ASN A 206 -5.36 6.14 -12.10
N VAL A 207 -5.34 5.44 -13.22
CA VAL A 207 -6.26 4.35 -13.48
C VAL A 207 -5.41 3.14 -13.87
N TRP A 208 -5.27 2.20 -12.95
CA TRP A 208 -4.47 1.03 -13.19
C TRP A 208 -5.31 -0.19 -13.52
N ARG A 209 -5.15 -0.70 -14.73
CA ARG A 209 -5.88 -1.90 -15.13
C ARG A 209 -5.00 -3.09 -14.79
N MET A 210 -5.24 -3.66 -13.61
CA MET A 210 -4.47 -4.79 -13.15
C MET A 210 -5.42 -5.83 -12.58
N SER A 211 -5.14 -7.10 -12.82
CA SER A 211 -6.05 -8.13 -12.32
C SER A 211 -5.71 -8.55 -10.91
N ARG A 212 -6.73 -9.02 -10.21
CA ARG A 212 -6.55 -9.51 -8.85
C ARG A 212 -5.97 -10.91 -8.93
N LEU A 213 -5.68 -11.51 -7.78
CA LEU A 213 -5.15 -12.87 -7.78
C LEU A 213 -6.30 -13.87 -7.86
N ASN A 214 -6.10 -14.95 -8.61
CA ASN A 214 -7.13 -15.97 -8.73
C ASN A 214 -6.75 -17.17 -7.86
N GLY A 215 -7.66 -18.13 -7.73
CA GLY A 215 -7.40 -19.29 -6.91
C GLY A 215 -6.23 -20.15 -7.36
N ASN A 216 -5.70 -19.88 -8.55
CA ASN A 216 -4.59 -20.66 -9.09
C ASN A 216 -3.28 -19.86 -9.10
N SER A 217 -3.32 -18.65 -8.56
CA SER A 217 -2.14 -17.80 -8.53
C SER A 217 -1.02 -18.41 -7.69
N LEU A 218 0.21 -18.28 -8.18
CA LEU A 218 1.38 -18.81 -7.48
C LEU A 218 1.70 -18.00 -6.23
N GLU A 219 1.22 -16.75 -6.19
CA GLU A 219 1.46 -15.88 -5.05
C GLU A 219 0.60 -16.25 -3.86
N ARG A 220 -0.61 -16.75 -4.16
CA ARG A 220 -1.59 -17.10 -3.15
C ARG A 220 -1.01 -17.86 -1.95
N VAL A 221 -1.19 -17.31 -0.74
CA VAL A 221 -0.69 -17.93 0.47
C VAL A 221 -1.83 -18.39 1.36
N GLY A 222 -3.06 -18.00 1.02
CA GLY A 222 -4.20 -18.41 1.81
C GLY A 222 -5.03 -17.26 2.34
N HIS A 223 -4.48 -16.05 2.37
CA HIS A 223 -5.23 -14.90 2.88
C HIS A 223 -6.39 -14.59 1.94
N PRO A 224 -7.62 -14.54 2.47
CA PRO A 224 -8.84 -14.25 1.71
C PRO A 224 -8.82 -13.01 0.82
N THR A 225 -8.15 -11.93 1.24
CA THR A 225 -8.12 -10.72 0.41
C THR A 225 -6.70 -10.34 0.00
N GLN A 226 -5.86 -11.36 -0.22
CA GLN A 226 -4.47 -11.12 -0.61
C GLN A 226 -4.36 -10.21 -1.82
N LYS A 227 -3.53 -9.18 -1.71
CA LYS A 227 -3.32 -8.25 -2.81
C LYS A 227 -2.20 -8.75 -3.73
N PRO A 228 -2.35 -8.53 -5.05
CA PRO A 228 -1.33 -8.96 -6.01
C PRO A 228 -0.07 -8.13 -5.86
N ALA A 229 1.08 -8.80 -5.94
CA ALA A 229 2.37 -8.13 -5.80
C ALA A 229 2.52 -6.97 -6.78
N ALA A 230 1.94 -7.10 -7.98
CA ALA A 230 2.05 -6.08 -9.01
C ALA A 230 1.59 -4.68 -8.57
N VAL A 231 0.48 -4.59 -7.85
CA VAL A 231 0.00 -3.28 -7.41
C VAL A 231 0.86 -2.69 -6.31
N ILE A 232 1.30 -3.52 -5.37
CA ILE A 232 2.15 -3.04 -4.28
C ILE A 232 3.49 -2.57 -4.84
N GLU A 233 4.00 -3.28 -5.85
CA GLU A 233 5.27 -2.95 -6.50
C GLU A 233 5.25 -1.54 -7.07
N ARG A 234 4.20 -1.21 -7.81
CA ARG A 234 4.10 0.11 -8.39
C ARG A 234 4.12 1.19 -7.31
N LEU A 235 3.43 0.94 -6.19
CA LEU A 235 3.42 1.89 -5.09
C LEU A 235 4.80 2.02 -4.46
N VAL A 236 5.44 0.90 -4.17
CA VAL A 236 6.76 0.91 -3.57
C VAL A 236 7.78 1.63 -4.44
N ARG A 237 7.75 1.37 -5.75
CA ARG A 237 8.70 1.99 -6.67
C ARG A 237 8.48 3.49 -6.84
N ALA A 238 7.22 3.90 -6.90
CA ALA A 238 6.90 5.31 -7.09
C ALA A 238 6.94 6.16 -5.83
N LEU A 239 6.58 5.57 -4.69
CA LEU A 239 6.48 6.37 -3.45
C LEU A 239 7.54 6.12 -2.40
N SER A 240 8.63 5.46 -2.76
CA SER A 240 9.68 5.23 -1.79
C SER A 240 10.99 5.02 -2.52
N HIS A 241 12.10 5.42 -1.91
CA HIS A 241 13.38 5.23 -2.56
C HIS A 241 14.10 4.01 -1.99
N PRO A 242 15.10 3.51 -2.72
CA PRO A 242 15.86 2.34 -2.28
C PRO A 242 16.47 2.54 -0.89
N GLY A 243 16.42 1.51 -0.06
CA GLY A 243 16.98 1.60 1.27
C GLY A 243 16.09 2.29 2.28
N SER A 244 14.92 2.80 1.86
CA SER A 244 14.02 3.46 2.81
C SER A 244 13.09 2.44 3.45
N THR A 245 12.37 2.85 4.49
CA THR A 245 11.50 1.92 5.21
C THR A 245 10.02 1.97 4.77
N VAL A 246 9.48 0.78 4.48
CA VAL A 246 8.07 0.63 4.12
C VAL A 246 7.37 -0.04 5.30
N LEU A 247 6.27 0.55 5.75
CA LEU A 247 5.54 0.03 6.90
C LEU A 247 4.13 -0.44 6.52
N ASP A 248 3.72 -1.58 7.08
CA ASP A 248 2.39 -2.14 6.84
C ASP A 248 1.89 -2.79 8.13
N PHE A 249 0.92 -2.15 8.81
CA PHE A 249 0.39 -2.67 10.07
C PHE A 249 -0.92 -3.43 9.92
N PHE A 250 -1.29 -3.73 8.69
CA PHE A 250 -2.44 -4.56 8.35
C PHE A 250 -1.90 -5.49 7.25
N ALA A 251 -0.67 -5.95 7.47
CA ALA A 251 0.09 -6.76 6.50
C ALA A 251 -0.63 -7.94 5.87
N GLY A 252 -1.67 -8.47 6.51
CA GLY A 252 -2.41 -9.57 5.93
C GLY A 252 -1.59 -10.75 5.45
N SER A 253 -1.34 -10.84 4.14
CA SER A 253 -0.58 -11.95 3.55
C SER A 253 0.93 -11.73 3.63
N GLY A 254 1.33 -10.50 3.94
CA GLY A 254 2.75 -10.20 4.02
C GLY A 254 3.36 -9.84 2.68
N VAL A 255 2.50 -9.56 1.70
CA VAL A 255 2.96 -9.22 0.35
C VAL A 255 3.91 -8.03 0.35
N THR A 256 3.70 -7.08 1.24
CA THR A 256 4.55 -5.90 1.33
C THR A 256 6.02 -6.25 1.56
N ALA A 257 6.28 -7.19 2.47
CA ALA A 257 7.65 -7.61 2.76
C ALA A 257 8.32 -8.21 1.52
N ARG A 258 7.58 -9.06 0.80
CA ARG A 258 8.13 -9.67 -0.40
C ARG A 258 8.50 -8.60 -1.43
N VAL A 259 7.60 -7.64 -1.63
CA VAL A 259 7.86 -6.56 -2.58
C VAL A 259 9.03 -5.72 -2.10
N ALA A 260 9.05 -5.40 -0.82
CA ALA A 260 10.12 -4.60 -0.25
C ALA A 260 11.47 -5.27 -0.48
N ILE A 261 11.52 -6.56 -0.21
CA ILE A 261 12.77 -7.31 -0.40
C ILE A 261 13.20 -7.26 -1.86
N GLN A 262 12.27 -7.52 -2.77
CA GLN A 262 12.54 -7.51 -4.20
C GLN A 262 12.99 -6.14 -4.71
N GLU A 263 12.45 -5.07 -4.13
CA GLU A 263 12.79 -3.72 -4.60
C GLU A 263 13.93 -3.04 -3.82
N GLY A 264 14.57 -3.75 -2.91
CA GLY A 264 15.65 -3.14 -2.16
C GLY A 264 15.22 -2.15 -1.08
N ARG A 265 14.03 -2.32 -0.54
CA ARG A 265 13.58 -1.44 0.53
C ARG A 265 13.60 -2.20 1.84
N ASN A 266 13.64 -1.48 2.96
CA ASN A 266 13.56 -2.13 4.26
C ASN A 266 12.08 -2.24 4.59
N SER A 267 11.69 -3.13 5.47
CA SER A 267 10.25 -3.22 5.75
C SER A 267 9.91 -3.66 7.15
N ILE A 268 8.74 -3.21 7.59
CA ILE A 268 8.17 -3.57 8.88
C ILE A 268 6.73 -3.98 8.62
N CYS A 269 6.43 -5.26 8.83
CA CYS A 269 5.07 -5.75 8.59
C CYS A 269 4.51 -6.43 9.83
N THR A 270 3.34 -5.96 10.27
CA THR A 270 2.64 -6.54 11.40
C THR A 270 1.16 -6.66 11.08
N ASP A 271 0.52 -7.65 11.69
CA ASP A 271 -0.89 -7.95 11.53
C ASP A 271 -1.35 -8.57 12.84
N ALA A 272 -2.59 -8.33 13.25
CA ALA A 272 -3.09 -8.86 14.52
C ALA A 272 -3.42 -10.34 14.51
N ALA A 273 -3.53 -10.94 13.32
CA ALA A 273 -3.89 -12.35 13.20
C ALA A 273 -2.68 -13.28 13.37
N PRO A 274 -2.75 -14.22 14.33
CA PRO A 274 -1.64 -15.14 14.54
C PRO A 274 -1.18 -15.82 13.25
N VAL A 275 -2.12 -16.17 12.38
CA VAL A 275 -1.80 -16.84 11.12
C VAL A 275 -0.87 -16.02 10.23
N PHE A 276 -0.75 -14.72 10.52
CA PHE A 276 0.12 -13.85 9.73
C PHE A 276 1.54 -14.42 9.65
N LYS A 277 2.05 -14.96 10.73
CA LYS A 277 3.40 -15.52 10.71
C LYS A 277 3.55 -16.57 9.60
N GLU A 278 2.56 -17.45 9.48
CA GLU A 278 2.56 -18.50 8.45
C GLU A 278 2.61 -17.89 7.05
N TYR A 279 1.74 -16.92 6.81
CA TYR A 279 1.70 -16.28 5.50
C TYR A 279 3.05 -15.64 5.17
N TYR A 280 3.59 -14.94 6.17
CA TYR A 280 4.87 -14.25 6.01
C TYR A 280 5.97 -15.23 5.62
N GLN A 281 6.07 -16.33 6.35
CA GLN A 281 7.08 -17.33 6.03
C GLN A 281 6.86 -17.87 4.63
N LYS A 282 5.60 -18.02 4.24
CA LYS A 282 5.28 -18.51 2.92
C LYS A 282 5.76 -17.52 1.86
N GLN A 283 5.59 -16.23 2.13
CA GLN A 283 6.04 -15.20 1.20
C GLN A 283 7.54 -15.34 0.96
N LEU A 284 8.27 -15.71 2.00
CA LEU A 284 9.71 -15.87 1.89
C LEU A 284 10.09 -17.01 0.93
N THR A 285 9.39 -18.13 1.00
CA THR A 285 9.70 -19.25 0.12
C THR A 285 9.63 -18.80 -1.34
N PHE A 286 8.76 -17.83 -1.63
CA PHE A 286 8.63 -17.33 -2.98
C PHE A 286 9.93 -16.64 -3.41
N LEU A 287 10.73 -16.24 -2.42
CA LEU A 287 12.00 -15.59 -2.69
C LEU A 287 13.11 -16.63 -2.61
N GLN A 288 12.72 -17.89 -2.72
CA GLN A 288 13.64 -19.02 -2.67
C GLN A 288 14.57 -18.89 -1.47
N ARG A 297 20.77 -10.83 -4.32
CA ARG A 297 19.82 -10.62 -3.23
C ARG A 297 20.52 -10.65 -1.87
N SER A 298 20.27 -9.62 -1.06
CA SER A 298 20.86 -9.54 0.27
C SER A 298 19.86 -8.91 1.22
N TYR A 299 19.25 -9.73 2.06
CA TYR A 299 18.27 -9.24 3.02
C TYR A 299 18.26 -10.07 4.29
N GLU A 300 17.91 -9.43 5.39
CA GLU A 300 17.86 -10.08 6.67
C GLU A 300 16.45 -10.00 7.27
N ILE A 301 15.94 -11.16 7.68
CA ILE A 301 14.62 -11.25 8.29
C ILE A 301 14.77 -11.32 9.81
N VAL A 302 14.02 -10.50 10.52
CA VAL A 302 14.06 -10.46 11.98
C VAL A 302 12.67 -10.44 12.57
N GLU A 303 12.37 -11.40 13.44
CA GLU A 303 11.05 -11.46 14.08
C GLU A 303 11.05 -10.67 15.39
N GLY A 304 9.87 -10.16 15.79
CA GLY A 304 9.76 -9.44 17.06
C GLY A 304 9.73 -7.92 16.97
N ALA A 305 8.66 -7.34 17.50
CA ALA A 305 8.48 -5.89 17.51
C ALA A 305 9.65 -5.20 18.22
N ALA A 306 10.30 -5.91 19.12
CA ALA A 306 11.43 -5.33 19.86
C ALA A 306 12.57 -4.99 18.91
N ASN A 307 12.51 -5.53 17.70
CA ASN A 307 13.58 -5.31 16.73
C ASN A 307 13.20 -4.35 15.59
N PHE A 308 12.10 -3.62 15.74
CA PHE A 308 11.69 -2.69 14.69
C PHE A 308 12.84 -1.83 14.21
N GLY A 309 13.70 -1.44 15.15
CA GLY A 309 14.83 -0.59 14.83
C GLY A 309 15.71 -1.09 13.70
N ALA A 310 15.86 -2.42 13.60
CA ALA A 310 16.70 -3.00 12.56
C ALA A 310 16.26 -2.55 11.18
N ALA A 311 14.95 -2.41 11.00
CA ALA A 311 14.40 -2.01 9.71
C ALA A 311 14.28 -0.50 9.56
N LEU A 312 14.50 0.24 10.64
CA LEU A 312 14.42 1.70 10.56
C LEU A 312 15.76 2.31 10.15
N GLN A 313 16.85 1.62 10.47
CA GLN A 313 18.18 2.10 10.11
C GLN A 313 18.22 2.28 8.60
N ARG A 314 18.73 3.42 8.15
CA ARG A 314 18.79 3.71 6.72
C ARG A 314 19.95 2.97 6.04
CL CL B . -2.60 -8.77 1.45
CL CL C . -6.35 12.13 -8.68
N SAH D . -9.42 -3.77 3.01
CA SAH D . -9.68 -5.10 2.45
CB SAH D . -8.69 -6.12 3.03
CG SAH D . -8.68 -6.13 4.57
SD SAH D . -7.46 -7.29 5.29
C SAH D . -11.14 -5.51 2.76
O SAH D . -11.79 -4.76 3.52
OXT SAH D . -11.57 -6.55 2.23
C5' SAH D . -7.24 -6.52 6.93
C4' SAH D . -6.07 -7.11 7.72
O4' SAH D . -5.89 -6.31 8.93
C3' SAH D . -6.34 -8.55 8.19
O3' SAH D . -5.19 -9.35 7.90
C2' SAH D . -6.56 -8.44 9.69
O2' SAH D . -5.99 -9.58 10.34
C1' SAH D . -5.76 -7.20 10.07
N9 SAH D . -6.23 -6.53 11.32
C8 SAH D . -7.50 -6.36 11.72
N7 SAH D . -7.53 -5.62 12.82
C5 SAH D . -6.28 -5.32 13.14
C6 SAH D . -5.68 -4.58 14.17
N6 SAH D . -6.44 -4.03 15.12
N1 SAH D . -4.33 -4.45 14.20
C2 SAH D . -3.56 -5.02 13.27
N3 SAH D . -4.10 -5.73 12.27
C4 SAH D . -5.44 -5.89 12.19
#